data_3VCR
#
_entry.id   3VCR
#
_cell.length_a   76.020
_cell.length_b   76.020
_cell.length_c   241.121
_cell.angle_alpha   90.00
_cell.angle_beta   90.00
_cell.angle_gamma   120.00
#
_symmetry.space_group_name_H-M   'H 3'
#
loop_
_entity.id
_entity.type
_entity.pdbx_description
1 polymer 'putative Kdpg (2-keto-3-deoxy-6-phosphogluconate) aldolase'
2 non-polymer 'PYRUVIC ACID'
3 water water
#
_entity_poly.entity_id   1
_entity_poly.type   'polypeptide(L)'
_entity_poly.pdbx_seq_one_letter_code
;G(MSE)TQLDTWLANTKPLIPVIVIDDLVHAIP(MSE)AKALVAGGVHLLEVTLRTEAGLAAISAIKKAVPEAIVGAGTV
CTADDFQKAIDAGAQFIVSPGLTPELIEKAKQVKLDGQWQGVFLPGVATASEV(MSE)IAAQAGITQLKCFPASAIGGAK
LLKAWSGPFPDIQFCPTGGISKDNYKEYLGLPNVICAGGSWLTESKLLIEGDWNEVTRRASEIVKLSDI
;
_entity_poly.pdbx_strand_id   A,B
#
loop_
_chem_comp.id
_chem_comp.type
_chem_comp.name
_chem_comp.formula
PYR non-polymer 'PYRUVIC ACID' 'C3 H4 O3'
#
# COMPACT_ATOMS: atom_id res chain seq x y z
N MSE A 2 -21.51 -16.26 -2.60
CA MSE A 2 -20.31 -16.27 -1.70
C MSE A 2 -20.04 -17.55 -0.92
O MSE A 2 -20.90 -18.08 -0.21
CB MSE A 2 -20.38 -15.13 -0.69
CG MSE A 2 -20.01 -13.79 -1.24
SE MSE A 2 -20.32 -12.53 0.21
CE MSE A 2 -18.48 -12.38 0.92
N THR A 3 -18.80 -17.98 -0.99
CA THR A 3 -18.34 -19.10 -0.20
C THR A 3 -17.99 -18.63 1.22
N GLN A 4 -17.79 -19.60 2.10
CA GLN A 4 -17.15 -19.37 3.41
C GLN A 4 -15.82 -18.62 3.26
N LEU A 5 -15.01 -19.03 2.29
CA LEU A 5 -13.71 -18.35 2.04
C LEU A 5 -13.90 -16.91 1.63
N ASP A 6 -14.84 -16.67 0.71
CA ASP A 6 -15.20 -15.29 0.33
C ASP A 6 -15.57 -14.45 1.55
N THR A 7 -16.36 -15.02 2.46
CA THR A 7 -16.85 -14.29 3.63
C THR A 7 -15.71 -13.92 4.57
N TRP A 8 -14.78 -14.86 4.80
CA TRP A 8 -13.55 -14.55 5.56
C TRP A 8 -12.73 -13.49 4.89
N LEU A 9 -12.56 -13.62 3.58
CA LEU A 9 -11.68 -12.67 2.87
C LEU A 9 -12.29 -11.27 2.82
N ALA A 10 -13.61 -11.16 2.91
CA ALA A 10 -14.24 -9.84 2.96
C ALA A 10 -13.96 -9.13 4.29
N ASN A 11 -13.36 -9.84 5.23
CA ASN A 11 -13.15 -9.32 6.59
C ASN A 11 -11.71 -9.38 7.08
N THR A 12 -10.79 -9.68 6.17
CA THR A 12 -9.38 -9.65 6.48
C THR A 12 -8.56 -9.29 5.25
N LYS A 13 -7.24 -9.24 5.39
CA LYS A 13 -6.34 -8.96 4.27
C LYS A 13 -6.18 -10.18 3.37
N PRO A 14 -5.98 -9.94 2.05
CA PRO A 14 -5.96 -11.02 1.04
C PRO A 14 -4.66 -11.89 1.03
N LEU A 15 -3.96 -11.98 2.16
CA LEU A 15 -2.63 -12.61 2.17
C LEU A 15 -2.65 -13.64 3.26
N ILE A 16 -2.42 -14.89 2.85
CA ILE A 16 -2.43 -16.03 3.77
C ILE A 16 -0.98 -16.44 4.11
N PRO A 17 -0.53 -16.19 5.35
CA PRO A 17 0.81 -16.65 5.72
C PRO A 17 0.93 -18.17 5.68
N VAL A 18 1.95 -18.66 4.98
CA VAL A 18 2.26 -20.04 4.90
C VAL A 18 3.34 -20.26 5.96
N ILE A 19 2.91 -20.85 7.07
CA ILE A 19 3.66 -20.84 8.32
C ILE A 19 4.44 -22.13 8.52
N VAL A 20 5.74 -21.99 8.74
CA VAL A 20 6.58 -23.10 9.13
C VAL A 20 7.10 -22.82 10.54
N ILE A 21 6.54 -23.53 11.51
CA ILE A 21 6.78 -23.25 12.92
C ILE A 21 7.43 -24.44 13.67
N ASP A 22 8.67 -24.26 14.12
CA ASP A 22 9.35 -25.33 14.89
C ASP A 22 8.85 -25.50 16.33
N ASP A 23 8.60 -24.39 17.02
CA ASP A 23 8.30 -24.49 18.48
C ASP A 23 6.88 -24.11 18.82
N LEU A 24 6.16 -25.03 19.43
CA LEU A 24 4.81 -24.76 19.86
C LEU A 24 4.62 -23.42 20.60
N VAL A 25 5.57 -23.08 21.47
CA VAL A 25 5.43 -21.90 22.31
C VAL A 25 5.34 -20.59 21.47
N HIS A 26 5.89 -20.60 20.25
CA HIS A 26 5.78 -19.43 19.35
C HIS A 26 4.43 -19.21 18.68
N ALA A 27 3.55 -20.21 18.69
CA ALA A 27 2.29 -20.16 17.97
C ALA A 27 1.35 -19.01 18.34
N ILE A 28 1.02 -18.86 19.63
CA ILE A 28 0.13 -17.80 20.06
C ILE A 28 0.73 -16.42 19.82
N PRO A 29 1.96 -16.19 20.30
CA PRO A 29 2.43 -14.78 20.05
C PRO A 29 2.54 -14.42 18.54
N MSE A 30 3.01 -15.38 17.74
CA MSE A 30 3.03 -15.23 16.29
C MSE A 30 1.64 -14.85 15.72
O MSE A 30 1.49 -13.85 15.00
CB MSE A 30 3.50 -16.53 15.60
CG MSE A 30 3.13 -16.55 14.12
SE MSE A 30 3.61 -18.11 13.23
CE MSE A 30 2.16 -19.27 13.76
N ALA A 31 0.63 -15.64 16.07
CA ALA A 31 -0.70 -15.38 15.58
C ALA A 31 -1.23 -14.03 16.07
N LYS A 32 -0.90 -13.66 17.32
CA LYS A 32 -1.40 -12.42 17.88
C LYS A 32 -0.73 -11.25 17.12
N ALA A 33 0.54 -11.42 16.82
CA ALA A 33 1.31 -10.43 16.04
C ALA A 33 0.70 -10.28 14.62
N LEU A 34 0.30 -11.39 13.98
CA LEU A 34 -0.33 -11.35 12.65
C LEU A 34 -1.68 -10.65 12.63
N VAL A 35 -2.60 -11.04 13.54
CA VAL A 35 -3.88 -10.31 13.62
C VAL A 35 -3.76 -8.83 13.97
N ALA A 36 -2.80 -8.52 14.83
CA ALA A 36 -2.53 -7.12 15.18
C ALA A 36 -2.19 -6.29 13.94
N GLY A 37 -1.60 -6.92 12.93
CA GLY A 37 -1.35 -6.27 11.64
C GLY A 37 -2.46 -6.47 10.60
N GLY A 38 -3.60 -7.01 11.03
CA GLY A 38 -4.75 -7.16 10.13
C GLY A 38 -4.75 -8.38 9.22
N VAL A 39 -4.00 -9.43 9.61
CA VAL A 39 -3.82 -10.64 8.82
C VAL A 39 -4.37 -11.78 9.67
N HIS A 40 -5.49 -12.34 9.23
CA HIS A 40 -6.25 -13.30 10.07
C HIS A 40 -6.34 -14.74 9.59
N LEU A 41 -6.11 -14.99 8.30
CA LEU A 41 -6.19 -16.35 7.73
C LEU A 41 -4.82 -17.03 7.78
N LEU A 42 -4.65 -17.92 8.73
CA LEU A 42 -3.31 -18.41 9.05
C LEU A 42 -3.19 -19.87 8.68
N GLU A 43 -2.32 -20.15 7.69
CA GLU A 43 -2.09 -21.52 7.30
C GLU A 43 -0.84 -22.08 7.96
N VAL A 44 -1.06 -22.93 8.95
CA VAL A 44 0.04 -23.58 9.65
C VAL A 44 0.31 -24.88 8.91
N THR A 45 1.45 -24.95 8.25
CA THR A 45 1.76 -26.18 7.50
C THR A 45 2.14 -27.30 8.48
N LEU A 46 1.80 -28.52 8.06
CA LEU A 46 2.23 -29.74 8.76
C LEU A 46 3.64 -30.21 8.35
N ARG A 47 4.54 -29.25 8.14
CA ARG A 47 5.92 -29.52 7.75
C ARG A 47 6.84 -29.67 8.97
N THR A 48 6.33 -29.38 10.16
CA THR A 48 7.07 -29.64 11.40
C THR A 48 6.21 -30.47 12.33
N GLU A 49 6.83 -31.10 13.33
CA GLU A 49 6.09 -31.82 14.35
C GLU A 49 5.19 -30.89 15.20
N ALA A 50 5.57 -29.64 15.37
CA ALA A 50 4.77 -28.73 16.19
C ALA A 50 3.52 -28.21 15.46
N GLY A 51 3.40 -28.51 14.16
CA GLY A 51 2.30 -27.97 13.32
C GLY A 51 0.90 -28.18 13.87
N LEU A 52 0.55 -29.44 14.11
CA LEU A 52 -0.79 -29.68 14.58
C LEU A 52 -1.01 -28.95 15.90
N ALA A 53 -0.10 -29.11 16.85
CA ALA A 53 -0.29 -28.55 18.19
C ALA A 53 -0.47 -27.06 18.13
N ALA A 54 0.33 -26.42 17.26
CA ALA A 54 0.22 -24.99 16.97
C ALA A 54 -1.13 -24.55 16.52
N ILE A 55 -1.76 -25.31 15.60
CA ILE A 55 -3.15 -25.05 15.22
C ILE A 55 -4.08 -25.00 16.43
N SER A 56 -4.10 -26.09 17.21
CA SER A 56 -4.95 -26.20 18.42
C SER A 56 -4.72 -25.02 19.39
N ALA A 57 -3.46 -24.75 19.69
CA ALA A 57 -3.11 -23.59 20.55
C ALA A 57 -3.67 -22.25 20.04
N ILE A 58 -3.54 -21.99 18.74
CA ILE A 58 -4.02 -20.72 18.15
C ILE A 58 -5.53 -20.69 18.16
N LYS A 59 -6.13 -21.85 17.87
CA LYS A 59 -7.58 -21.97 17.81
C LYS A 59 -8.20 -21.56 19.14
N LYS A 60 -7.63 -22.09 20.21
CA LYS A 60 -8.09 -21.84 21.58
C LYS A 60 -7.79 -20.40 22.01
N ALA A 61 -6.55 -19.98 21.81
CA ALA A 61 -6.11 -18.76 22.44
C ALA A 61 -6.32 -17.50 21.62
N VAL A 62 -6.52 -17.64 20.31
CA VAL A 62 -6.59 -16.46 19.41
C VAL A 62 -7.85 -16.61 18.54
N PRO A 63 -9.04 -16.48 19.15
CA PRO A 63 -10.31 -16.73 18.48
C PRO A 63 -10.53 -15.82 17.28
N GLU A 64 -9.88 -14.65 17.25
CA GLU A 64 -9.99 -13.78 16.08
C GLU A 64 -9.21 -14.25 14.84
N ALA A 65 -8.22 -15.15 15.00
CA ALA A 65 -7.46 -15.67 13.83
C ALA A 65 -8.35 -16.72 13.18
N ILE A 66 -8.27 -16.93 11.85
CA ILE A 66 -8.92 -18.10 11.21
C ILE A 66 -7.78 -19.05 10.90
N VAL A 67 -7.65 -20.05 11.73
CA VAL A 67 -6.47 -20.91 11.64
C VAL A 67 -6.72 -22.22 10.91
N GLY A 68 -5.83 -22.48 9.95
CA GLY A 68 -5.87 -23.63 9.06
C GLY A 68 -4.57 -24.42 9.04
N ALA A 69 -4.60 -25.51 8.28
CA ALA A 69 -3.51 -26.44 8.09
C ALA A 69 -3.11 -26.40 6.62
N GLY A 70 -1.82 -26.47 6.37
CA GLY A 70 -1.33 -26.62 5.02
C GLY A 70 -0.43 -27.83 4.95
N THR A 71 0.02 -28.13 3.73
CA THR A 71 0.81 -29.30 3.43
C THR A 71 0.04 -30.55 3.92
N VAL A 72 -1.26 -30.49 3.79
CA VAL A 72 -2.09 -31.71 3.96
C VAL A 72 -2.01 -32.55 2.67
N CYS A 73 -1.35 -33.70 2.77
CA CYS A 73 -1.08 -34.54 1.59
C CYS A 73 -1.93 -35.82 1.53
N THR A 74 -2.38 -36.29 2.68
CA THR A 74 -3.11 -37.59 2.75
C THR A 74 -4.41 -37.43 3.51
N ALA A 75 -5.29 -38.47 3.42
CA ALA A 75 -6.53 -38.44 4.15
C ALA A 75 -6.26 -38.35 5.66
N ASP A 76 -5.27 -39.10 6.14
CA ASP A 76 -4.89 -39.06 7.55
C ASP A 76 -4.42 -37.66 7.99
N ASP A 77 -3.59 -36.99 7.18
CA ASP A 77 -3.24 -35.56 7.41
C ASP A 77 -4.52 -34.73 7.51
N PHE A 78 -5.48 -35.01 6.61
CA PHE A 78 -6.75 -34.27 6.54
C PHE A 78 -7.55 -34.42 7.85
N GLN A 79 -7.69 -35.66 8.32
CA GLN A 79 -8.39 -35.94 9.57
C GLN A 79 -7.71 -35.30 10.81
N LYS A 80 -6.37 -35.40 10.86
CA LYS A 80 -5.62 -34.85 12.00
C LYS A 80 -5.73 -33.33 12.06
N ALA A 81 -5.74 -32.68 10.90
CA ALA A 81 -5.99 -31.25 10.86
C ALA A 81 -7.37 -30.92 11.47
N ILE A 82 -8.38 -31.72 11.13
CA ILE A 82 -9.72 -31.46 11.63
C ILE A 82 -9.72 -31.67 13.16
N ASP A 83 -9.03 -32.70 13.64
CA ASP A 83 -8.96 -32.97 15.08
C ASP A 83 -8.19 -31.87 15.82
N ALA A 84 -7.17 -31.30 15.19
CA ALA A 84 -6.41 -30.17 15.76
C ALA A 84 -7.22 -28.86 15.83
N GLY A 85 -8.29 -28.75 15.05
CA GLY A 85 -9.18 -27.59 15.08
C GLY A 85 -9.05 -26.66 13.86
N ALA A 86 -8.32 -27.10 12.83
CA ALA A 86 -8.24 -26.38 11.55
C ALA A 86 -9.60 -26.00 11.04
N GLN A 87 -9.70 -24.74 10.63
CA GLN A 87 -10.89 -24.14 10.06
C GLN A 87 -10.86 -24.23 8.53
N PHE A 88 -9.68 -24.49 7.98
CA PHE A 88 -9.49 -24.65 6.54
C PHE A 88 -8.30 -25.58 6.34
N ILE A 89 -8.23 -26.22 5.18
CA ILE A 89 -7.17 -27.15 4.86
C ILE A 89 -6.63 -26.88 3.45
N VAL A 90 -5.31 -26.72 3.36
CA VAL A 90 -4.66 -26.44 2.10
C VAL A 90 -3.77 -27.61 1.78
N SER A 91 -3.86 -28.07 0.53
CA SER A 91 -2.99 -29.14 0.08
C SER A 91 -2.20 -28.68 -1.17
N PRO A 92 -0.99 -29.23 -1.37
CA PRO A 92 -0.16 -28.67 -2.50
C PRO A 92 -0.63 -29.23 -3.87
N GLY A 93 -1.49 -30.23 -3.84
CA GLY A 93 -1.89 -30.90 -5.05
C GLY A 93 -3.15 -31.62 -4.61
N LEU A 94 -3.73 -32.42 -5.49
CA LEU A 94 -4.98 -33.11 -5.18
C LEU A 94 -4.91 -34.51 -5.72
N THR A 95 -5.40 -35.47 -4.94
CA THR A 95 -5.37 -36.85 -5.36
C THR A 95 -6.79 -37.38 -5.22
N PRO A 96 -7.09 -38.53 -5.84
CA PRO A 96 -8.40 -39.19 -5.56
C PRO A 96 -8.65 -39.46 -4.08
N GLU A 97 -7.62 -39.87 -3.35
CA GLU A 97 -7.77 -40.10 -1.91
C GLU A 97 -8.15 -38.79 -1.19
N LEU A 98 -7.56 -37.63 -1.54
CA LEU A 98 -7.97 -36.38 -0.88
C LEU A 98 -9.41 -35.98 -1.27
N ILE A 99 -9.78 -36.22 -2.54
CA ILE A 99 -11.12 -35.87 -3.02
C ILE A 99 -12.16 -36.65 -2.22
N GLU A 100 -11.89 -37.94 -2.11
CA GLU A 100 -12.73 -38.87 -1.39
C GLU A 100 -12.88 -38.47 0.09
N LYS A 101 -11.76 -38.23 0.75
CA LYS A 101 -11.77 -37.78 2.14
C LYS A 101 -12.62 -36.51 2.32
N ALA A 102 -12.38 -35.51 1.47
CA ALA A 102 -13.11 -34.25 1.59
C ALA A 102 -14.62 -34.41 1.39
N LYS A 103 -15.00 -35.19 0.39
CA LYS A 103 -16.42 -35.53 0.19
C LYS A 103 -16.98 -36.13 1.45
N GLN A 104 -16.29 -37.13 1.97
CA GLN A 104 -16.75 -37.90 3.13
C GLN A 104 -16.92 -37.05 4.38
N VAL A 105 -15.97 -36.16 4.67
CA VAL A 105 -16.20 -35.28 5.83
C VAL A 105 -17.30 -34.24 5.56
N LYS A 106 -17.49 -33.81 4.32
CA LYS A 106 -18.61 -32.92 4.02
C LYS A 106 -19.96 -33.68 4.14
N LEU A 107 -19.98 -34.96 3.73
CA LEU A 107 -21.17 -35.81 3.84
C LEU A 107 -21.60 -36.07 5.30
N ASP A 108 -20.60 -36.31 6.16
CA ASP A 108 -20.82 -36.54 7.60
C ASP A 108 -21.29 -35.26 8.30
N GLY A 109 -20.94 -34.10 7.73
CA GLY A 109 -21.46 -32.79 8.17
C GLY A 109 -20.87 -32.18 9.45
N GLN A 110 -19.86 -32.82 10.02
CA GLN A 110 -19.26 -32.37 11.27
C GLN A 110 -18.22 -31.25 11.09
N TRP A 111 -17.36 -31.41 10.07
CA TRP A 111 -16.41 -30.38 9.69
C TRP A 111 -16.97 -29.58 8.52
N GLN A 112 -17.27 -28.32 8.80
CA GLN A 112 -17.80 -27.44 7.79
C GLN A 112 -16.75 -26.41 7.37
N GLY A 113 -15.49 -26.82 7.29
CA GLY A 113 -14.46 -25.89 6.89
C GLY A 113 -14.20 -25.85 5.40
N VAL A 114 -13.15 -25.14 5.01
CA VAL A 114 -12.87 -24.88 3.62
C VAL A 114 -11.65 -25.74 3.19
N PHE A 115 -11.85 -26.48 2.10
CA PHE A 115 -10.77 -27.25 1.51
C PHE A 115 -10.28 -26.48 0.28
N LEU A 116 -9.00 -26.17 0.30
CA LEU A 116 -8.37 -25.36 -0.70
C LEU A 116 -7.16 -26.16 -1.27
N PRO A 117 -7.36 -26.94 -2.34
CA PRO A 117 -6.31 -27.82 -2.87
C PRO A 117 -5.55 -27.22 -4.05
N GLY A 118 -4.31 -27.68 -4.23
CA GLY A 118 -3.43 -27.21 -5.28
C GLY A 118 -3.77 -27.85 -6.62
N VAL A 119 -3.69 -27.04 -7.65
CA VAL A 119 -3.75 -27.48 -9.03
C VAL A 119 -2.63 -26.82 -9.81
N ALA A 120 -2.21 -27.45 -10.90
CA ALA A 120 -1.10 -26.89 -11.73
C ALA A 120 -1.34 -27.00 -13.24
N THR A 121 -2.40 -27.67 -13.66
CA THR A 121 -2.77 -27.81 -15.08
C THR A 121 -4.26 -27.58 -15.29
N ALA A 122 -4.64 -27.24 -16.54
CA ALA A 122 -6.09 -27.06 -16.86
C ALA A 122 -6.85 -28.33 -16.50
N SER A 123 -6.19 -29.46 -16.70
CA SER A 123 -6.91 -30.79 -16.41
C SER A 123 -7.11 -30.98 -14.89
N GLU A 124 -6.10 -30.60 -14.10
CA GLU A 124 -6.25 -30.61 -12.65
C GLU A 124 -7.36 -29.67 -12.15
N VAL A 125 -7.49 -28.51 -12.78
CA VAL A 125 -8.56 -27.58 -12.42
C VAL A 125 -9.91 -28.27 -12.65
N MSE A 126 -10.05 -28.91 -13.80
CA MSE A 126 -11.32 -29.42 -14.23
C MSE A 126 -11.71 -30.61 -13.32
O MSE A 126 -12.87 -30.77 -12.97
CB MSE A 126 -11.24 -29.87 -15.67
CG MSE A 126 -11.23 -28.76 -16.70
SE MSE A 126 -10.46 -29.37 -18.41
CE MSE A 126 -11.73 -30.74 -18.48
N ILE A 127 -10.73 -31.40 -12.91
CA ILE A 127 -10.96 -32.50 -11.95
CA ILE A 127 -10.97 -32.49 -11.93
C ILE A 127 -11.42 -31.94 -10.57
N ALA A 128 -10.75 -30.88 -10.08
CA ALA A 128 -11.16 -30.27 -8.81
C ALA A 128 -12.55 -29.63 -8.93
N ALA A 129 -12.77 -28.90 -10.01
CA ALA A 129 -14.07 -28.24 -10.19
C ALA A 129 -15.22 -29.26 -10.23
N GLN A 130 -14.96 -30.40 -10.83
CA GLN A 130 -16.03 -31.40 -10.95
C GLN A 130 -16.33 -32.25 -9.73
N ALA A 131 -15.34 -32.31 -8.84
CA ALA A 131 -15.54 -32.73 -7.44
C ALA A 131 -16.29 -31.67 -6.64
N GLY A 132 -16.45 -30.46 -7.18
CA GLY A 132 -17.25 -29.44 -6.50
C GLY A 132 -16.45 -28.33 -5.85
N ILE A 133 -15.16 -28.20 -6.20
CA ILE A 133 -14.27 -27.21 -5.59
C ILE A 133 -13.88 -26.16 -6.64
N THR A 134 -14.33 -24.92 -6.45
CA THR A 134 -14.21 -23.89 -7.47
C THR A 134 -13.25 -22.77 -7.06
N GLN A 135 -12.66 -22.91 -5.87
CA GLN A 135 -11.64 -22.00 -5.35
C GLN A 135 -10.41 -22.87 -5.05
N LEU A 136 -9.34 -22.60 -5.78
CA LEU A 136 -8.20 -23.54 -5.82
C LEU A 136 -6.91 -22.84 -5.50
N LYS A 137 -5.92 -23.59 -5.00
CA LYS A 137 -4.53 -23.08 -4.85
C LYS A 137 -3.84 -23.25 -6.19
N CYS A 138 -3.05 -22.27 -6.64
CA CYS A 138 -2.25 -22.58 -7.81
C CYS A 138 -0.83 -22.80 -7.25
N PHE A 139 -0.30 -24.02 -7.33
CA PHE A 139 1.01 -24.33 -6.69
C PHE A 139 1.99 -25.17 -7.56
N PRO A 140 3.27 -24.73 -7.68
CA PRO A 140 3.84 -23.45 -7.14
C PRO A 140 3.78 -22.36 -8.19
N ALA A 141 2.93 -21.35 -7.98
CA ALA A 141 2.47 -20.47 -9.01
C ALA A 141 3.61 -19.83 -9.81
N SER A 142 4.61 -19.32 -9.12
CA SER A 142 5.66 -18.55 -9.78
CA SER A 142 5.64 -18.54 -9.81
C SER A 142 6.58 -19.41 -10.68
N ALA A 143 6.72 -20.67 -10.34
CA ALA A 143 7.67 -21.48 -11.12
C ALA A 143 6.97 -22.11 -12.33
N ILE A 144 5.65 -22.16 -12.31
CA ILE A 144 4.93 -22.87 -13.37
C ILE A 144 4.21 -21.97 -14.39
N GLY A 145 4.52 -20.66 -14.42
CA GLY A 145 3.95 -19.76 -15.42
C GLY A 145 3.27 -18.53 -14.85
N GLY A 146 2.98 -18.53 -13.54
CA GLY A 146 2.64 -17.31 -12.76
C GLY A 146 1.41 -16.56 -13.25
N ALA A 147 1.45 -15.23 -13.27
CA ALA A 147 0.28 -14.41 -13.71
C ALA A 147 -0.22 -14.82 -15.12
N LYS A 148 0.68 -15.13 -16.05
CA LYS A 148 0.34 -15.49 -17.40
C LYS A 148 -0.49 -16.78 -17.42
N LEU A 149 -0.06 -17.77 -16.64
CA LEU A 149 -0.80 -19.01 -16.53
C LEU A 149 -2.23 -18.74 -16.02
N LEU A 150 -2.36 -18.08 -14.87
CA LEU A 150 -3.67 -17.73 -14.30
C LEU A 150 -4.57 -16.98 -15.29
N LYS A 151 -3.99 -16.00 -16.00
CA LYS A 151 -4.77 -15.24 -16.98
C LYS A 151 -5.26 -16.13 -18.14
N ALA A 152 -4.42 -17.07 -18.58
CA ALA A 152 -4.77 -17.94 -19.70
C ALA A 152 -5.93 -18.80 -19.23
N TRP A 153 -5.88 -19.26 -17.98
CA TRP A 153 -6.94 -20.14 -17.42
C TRP A 153 -8.30 -19.44 -17.23
N SER A 154 -8.28 -18.12 -17.06
CA SER A 154 -9.49 -17.32 -16.88
C SER A 154 -10.45 -17.41 -18.07
N GLY A 155 -9.89 -17.58 -19.27
CA GLY A 155 -10.71 -17.71 -20.50
C GLY A 155 -11.67 -18.90 -20.45
N PRO A 156 -11.15 -20.15 -20.40
CA PRO A 156 -12.05 -21.32 -20.30
C PRO A 156 -12.69 -21.58 -18.94
N PHE A 157 -12.11 -21.01 -17.87
CA PHE A 157 -12.59 -21.29 -16.50
C PHE A 157 -12.98 -19.98 -15.79
N PRO A 158 -14.01 -19.30 -16.29
CA PRO A 158 -14.11 -17.95 -15.73
C PRO A 158 -14.71 -17.86 -14.32
N ASP A 159 -15.41 -18.92 -13.91
CA ASP A 159 -15.99 -19.13 -12.58
C ASP A 159 -15.06 -19.87 -11.58
N ILE A 160 -13.75 -19.96 -11.86
CA ILE A 160 -12.87 -20.60 -10.90
C ILE A 160 -12.03 -19.51 -10.33
N GLN A 161 -11.81 -19.50 -9.01
CA GLN A 161 -10.96 -18.47 -8.40
C GLN A 161 -9.72 -19.13 -7.83
N PHE A 162 -8.61 -18.41 -7.78
CA PHE A 162 -7.35 -19.02 -7.37
C PHE A 162 -6.68 -18.31 -6.22
N CYS A 163 -5.89 -19.04 -5.45
CA CYS A 163 -4.98 -18.50 -4.49
C CYS A 163 -3.59 -18.95 -4.97
N PRO A 164 -2.83 -18.07 -5.66
CA PRO A 164 -1.48 -18.54 -6.00
C PRO A 164 -0.56 -18.63 -4.75
N THR A 165 0.24 -19.70 -4.66
CA THR A 165 1.24 -19.87 -3.58
C THR A 165 2.48 -20.46 -4.23
N GLY A 166 3.64 -19.98 -3.82
CA GLY A 166 4.90 -20.46 -4.37
C GLY A 166 5.59 -19.34 -5.11
N GLY A 167 6.58 -18.74 -4.46
CA GLY A 167 7.31 -17.60 -5.05
C GLY A 167 6.49 -16.32 -5.10
N ILE A 168 5.44 -16.21 -4.28
CA ILE A 168 4.78 -14.91 -4.08
C ILE A 168 5.65 -14.08 -3.12
N SER A 169 5.85 -12.81 -3.43
CA SER A 169 6.74 -12.03 -2.63
C SER A 169 6.10 -10.68 -2.36
N LYS A 170 6.73 -9.91 -1.48
CA LYS A 170 6.33 -8.54 -1.22
C LYS A 170 6.25 -7.76 -2.54
N ASP A 171 7.13 -8.08 -3.48
CA ASP A 171 7.28 -7.31 -4.73
C ASP A 171 6.33 -7.69 -5.87
N ASN A 172 5.73 -8.88 -5.78
CA ASN A 172 4.83 -9.34 -6.85
C ASN A 172 3.40 -9.73 -6.40
N TYR A 173 3.12 -9.74 -5.10
CA TYR A 173 1.79 -10.19 -4.65
C TYR A 173 0.64 -9.34 -5.18
N LYS A 174 0.84 -8.02 -5.27
CA LYS A 174 -0.19 -7.12 -5.73
C LYS A 174 -0.54 -7.39 -7.19
N GLU A 175 0.45 -7.70 -8.02
CA GLU A 175 0.20 -8.10 -9.40
C GLU A 175 -0.68 -9.37 -9.50
N TYR A 176 -0.36 -10.41 -8.72
CA TYR A 176 -1.22 -11.58 -8.64
C TYR A 176 -2.61 -11.16 -8.20
N LEU A 177 -2.71 -10.41 -7.10
CA LEU A 177 -4.05 -10.08 -6.56
C LEU A 177 -4.93 -9.29 -7.54
N GLY A 178 -4.28 -8.44 -8.35
CA GLY A 178 -5.01 -7.66 -9.35
C GLY A 178 -5.66 -8.48 -10.47
N LEU A 179 -5.32 -9.76 -10.59
CA LEU A 179 -5.97 -10.65 -11.58
C LEU A 179 -7.42 -10.88 -11.17
N PRO A 180 -8.35 -10.80 -12.14
CA PRO A 180 -9.76 -10.89 -11.78
C PRO A 180 -10.16 -12.26 -11.24
N ASN A 181 -9.43 -13.32 -11.59
CA ASN A 181 -9.68 -14.67 -11.05
C ASN A 181 -8.82 -15.02 -9.82
N VAL A 182 -8.08 -14.04 -9.29
CA VAL A 182 -7.30 -14.27 -8.05
C VAL A 182 -7.99 -13.57 -6.87
N ILE A 183 -8.27 -14.32 -5.80
CA ILE A 183 -8.97 -13.76 -4.62
C ILE A 183 -8.03 -13.51 -3.39
N CYS A 184 -6.89 -14.19 -3.36
CA CYS A 184 -5.92 -14.09 -2.24
C CYS A 184 -4.61 -14.77 -2.66
N ALA A 185 -3.58 -14.73 -1.83
CA ALA A 185 -2.30 -15.34 -2.17
C ALA A 185 -1.67 -15.82 -0.89
N GLY A 186 -0.89 -16.89 -0.98
CA GLY A 186 -0.07 -17.40 0.12
C GLY A 186 1.33 -16.77 0.05
N GLY A 187 1.82 -16.30 1.18
CA GLY A 187 3.19 -15.81 1.29
C GLY A 187 3.91 -16.21 2.57
N SER A 188 5.23 -16.29 2.48
CA SER A 188 6.14 -16.80 3.51
C SER A 188 6.86 -15.75 4.31
N TRP A 189 6.90 -14.50 3.81
CA TRP A 189 7.81 -13.50 4.33
C TRP A 189 7.37 -12.89 5.66
N LEU A 190 6.11 -13.11 6.04
CA LEU A 190 5.57 -12.50 7.27
C LEU A 190 6.03 -13.29 8.50
N THR A 191 6.36 -14.56 8.29
CA THR A 191 6.65 -15.46 9.37
C THR A 191 7.97 -16.18 9.16
N GLU A 192 8.93 -15.50 8.51
CA GLU A 192 10.27 -16.07 8.35
C GLU A 192 10.84 -16.66 9.63
N SER A 193 11.60 -17.75 9.45
CA SER A 193 12.14 -18.53 10.53
C SER A 193 12.84 -17.70 11.62
N LYS A 194 13.72 -16.78 11.20
CA LYS A 194 14.47 -15.95 12.12
C LYS A 194 13.51 -15.18 13.05
N LEU A 195 12.45 -14.62 12.49
CA LEU A 195 11.49 -13.85 13.25
C LEU A 195 10.84 -14.68 14.35
N LEU A 196 10.46 -15.91 14.02
CA LEU A 196 9.83 -16.79 15.00
C LEU A 196 10.79 -17.26 16.11
N ILE A 197 11.94 -17.81 15.73
CA ILE A 197 13.00 -18.25 16.67
C ILE A 197 13.40 -17.11 17.63
N GLU A 198 13.53 -15.90 17.11
CA GLU A 198 13.90 -14.77 17.96
C GLU A 198 12.74 -14.11 18.70
N GLY A 199 11.51 -14.52 18.39
CA GLY A 199 10.34 -13.92 19.04
C GLY A 199 10.18 -12.44 18.67
N ASP A 200 10.46 -12.08 17.43
CA ASP A 200 10.46 -10.65 17.03
C ASP A 200 9.03 -10.29 16.60
N TRP A 201 8.09 -10.27 17.56
CA TRP A 201 6.68 -10.07 17.25
C TRP A 201 6.40 -8.67 16.67
N ASN A 202 7.09 -7.64 17.13
CA ASN A 202 6.95 -6.33 16.45
C ASN A 202 7.21 -6.33 14.94
N GLU A 203 8.22 -7.09 14.50
CA GLU A 203 8.55 -7.17 13.08
C GLU A 203 7.47 -8.00 12.37
N VAL A 204 7.00 -9.07 13.01
CA VAL A 204 5.93 -9.81 12.36
C VAL A 204 4.72 -8.87 12.11
N THR A 205 4.33 -8.15 13.15
CA THR A 205 3.22 -7.21 13.07
C THR A 205 3.46 -6.13 12.02
N ARG A 206 4.69 -5.64 11.96
CA ARG A 206 5.03 -4.68 10.91
C ARG A 206 4.79 -5.27 9.51
N ARG A 207 5.25 -6.50 9.28
CA ARG A 207 5.12 -7.11 7.95
C ARG A 207 3.66 -7.34 7.58
N ALA A 208 2.84 -7.67 8.58
CA ALA A 208 1.43 -7.87 8.36
C ALA A 208 0.76 -6.52 8.08
N SER A 209 1.10 -5.52 8.88
CA SER A 209 0.44 -4.22 8.72
C SER A 209 0.74 -3.59 7.34
N GLU A 210 1.86 -3.95 6.71
CA GLU A 210 2.23 -3.45 5.36
C GLU A 210 1.42 -4.11 4.20
N ILE A 211 0.80 -5.25 4.49
CA ILE A 211 -0.04 -5.87 3.48
C ILE A 211 -1.27 -4.96 3.21
N VAL A 212 -1.63 -4.78 1.96
CA VAL A 212 -2.75 -3.89 1.64
C VAL A 212 -4.04 -4.72 1.52
N LYS A 213 -5.19 -4.10 1.82
CA LYS A 213 -6.51 -4.70 1.56
C LYS A 213 -6.71 -4.80 0.06
N LEU A 214 -7.58 -5.74 -0.36
CA LEU A 214 -7.80 -5.99 -1.79
C LEU A 214 -8.28 -4.73 -2.57
N SER A 215 -9.12 -3.92 -1.93
CA SER A 215 -9.68 -2.72 -2.53
C SER A 215 -8.65 -1.60 -2.66
N ASP A 216 -7.44 -1.82 -2.18
CA ASP A 216 -6.42 -0.78 -2.09
CA ASP A 216 -6.42 -0.78 -2.09
C ASP A 216 -5.20 -1.13 -2.96
N ILE A 217 -5.36 -2.04 -3.92
CA ILE A 217 -4.22 -2.39 -4.80
C ILE A 217 -4.04 -1.39 -5.95
N MSE B 2 17.38 14.88 -14.59
CA MSE B 2 16.76 14.94 -13.23
C MSE B 2 16.80 16.30 -12.54
O MSE B 2 17.84 16.92 -12.36
CB MSE B 2 17.41 13.92 -12.31
CG MSE B 2 16.75 12.56 -12.36
SE MSE B 2 17.61 11.47 -10.98
CE MSE B 2 16.30 11.63 -9.53
N THR B 3 15.63 16.73 -12.08
CA THR B 3 15.53 18.00 -11.39
C THR B 3 15.88 17.82 -9.91
N GLN B 4 16.05 18.92 -9.19
CA GLN B 4 16.10 18.91 -7.73
C GLN B 4 14.88 18.18 -7.13
N LEU B 5 13.69 18.48 -7.68
CA LEU B 5 12.45 17.81 -7.20
C LEU B 5 12.50 16.31 -7.43
N ASP B 6 13.01 15.88 -8.60
CA ASP B 6 13.11 14.43 -8.87
C ASP B 6 13.99 13.72 -7.84
N THR B 7 15.07 14.39 -7.47
CA THR B 7 16.12 13.87 -6.56
C THR B 7 15.50 13.71 -5.19
N TRP B 8 14.65 14.67 -4.83
CA TRP B 8 13.98 14.63 -3.54
C TRP B 8 13.01 13.49 -3.53
N LEU B 9 12.23 13.41 -4.60
CA LEU B 9 11.22 12.40 -4.76
C LEU B 9 11.76 10.98 -4.79
N ALA B 10 12.95 10.76 -5.33
CA ALA B 10 13.57 9.41 -5.28
C ALA B 10 14.05 9.01 -3.88
N ASN B 11 13.92 9.89 -2.91
CA ASN B 11 14.34 9.58 -1.54
C ASN B 11 13.24 9.72 -0.50
N THR B 12 12.01 10.00 -0.92
CA THR B 12 10.86 10.08 0.01
C THR B 12 9.60 9.55 -0.66
N LYS B 13 8.46 9.58 0.06
CA LYS B 13 7.18 9.11 -0.48
C LYS B 13 6.60 10.21 -1.37
N PRO B 14 5.81 9.80 -2.38
CA PRO B 14 5.35 10.77 -3.36
C PRO B 14 4.08 11.53 -2.94
N LEU B 15 3.93 11.80 -1.65
CA LEU B 15 2.78 12.58 -1.18
C LEU B 15 3.32 13.74 -0.42
N ILE B 16 2.97 14.94 -0.88
CA ILE B 16 3.32 16.16 -0.20
C ILE B 16 2.14 16.61 0.69
N PRO B 17 2.33 16.63 2.00
CA PRO B 17 1.28 17.20 2.85
C PRO B 17 1.08 18.70 2.64
N VAL B 18 -0.18 19.06 2.44
CA VAL B 18 -0.61 20.43 2.29
C VAL B 18 -1.08 20.87 3.68
N ILE B 19 -0.19 21.59 4.35
CA ILE B 19 -0.28 21.84 5.79
C ILE B 19 -0.91 23.20 6.09
N VAL B 20 -1.99 23.14 6.87
CA VAL B 20 -2.53 24.35 7.46
C VAL B 20 -2.42 24.25 8.98
N ILE B 21 -1.57 25.12 9.51
CA ILE B 21 -1.06 25.12 10.90
C ILE B 21 -1.33 26.43 11.68
N ASP B 22 -2.23 26.36 12.65
CA ASP B 22 -2.59 27.54 13.47
C ASP B 22 -1.52 27.90 14.48
N ASP B 23 -0.93 26.89 15.11
CA ASP B 23 -0.03 27.14 16.25
C ASP B 23 1.41 26.76 15.98
N LEU B 24 2.30 27.74 16.06
CA LEU B 24 3.69 27.50 15.85
C LEU B 24 4.28 26.31 16.62
N VAL B 25 3.90 26.19 17.88
CA VAL B 25 4.40 25.09 18.73
C VAL B 25 4.15 23.69 18.13
N HIS B 26 3.19 23.59 17.19
CA HIS B 26 2.91 22.27 16.63
C HIS B 26 3.80 21.92 15.45
N ALA B 27 4.59 22.89 14.97
CA ALA B 27 5.35 22.69 13.74
C ALA B 27 6.41 21.57 13.85
N ILE B 28 7.27 21.63 14.87
CA ILE B 28 8.31 20.66 15.02
C ILE B 28 7.76 19.26 15.27
N PRO B 29 6.88 19.08 16.30
CA PRO B 29 6.42 17.68 16.49
C PRO B 29 5.65 17.15 15.26
N MSE B 30 4.89 18.01 14.57
CA MSE B 30 4.20 17.57 13.34
C MSE B 30 5.18 17.08 12.28
O MSE B 30 4.99 16.01 11.72
CB MSE B 30 3.33 18.70 12.77
CG MSE B 30 2.88 18.44 11.32
SE MSE B 30 2.10 19.94 10.49
CE MSE B 30 3.70 20.99 10.08
N ALA B 31 6.22 17.87 11.99
CA ALA B 31 7.20 17.47 11.02
C ALA B 31 7.93 16.16 11.41
N LYS B 32 8.22 15.98 12.70
CA LYS B 32 8.89 14.78 13.16
C LYS B 32 7.95 13.57 12.97
N ALA B 33 6.67 13.75 13.25
CA ALA B 33 5.71 12.64 13.13
C ALA B 33 5.58 12.26 11.61
N LEU B 34 5.60 13.26 10.74
CA LEU B 34 5.59 13.02 9.26
C LEU B 34 6.82 12.27 8.76
N VAL B 35 8.03 12.72 9.11
CA VAL B 35 9.24 11.99 8.67
C VAL B 35 9.34 10.59 9.28
N ALA B 36 8.84 10.42 10.50
CA ALA B 36 8.84 9.09 11.17
C ALA B 36 8.03 8.10 10.34
N GLY B 37 7.13 8.64 9.52
CA GLY B 37 6.30 7.84 8.61
C GLY B 37 6.81 7.80 7.18
N GLY B 38 8.01 8.38 6.97
CA GLY B 38 8.67 8.39 5.66
C GLY B 38 8.14 9.44 4.69
N VAL B 39 7.40 10.41 5.20
CA VAL B 39 6.96 11.56 4.39
C VAL B 39 7.83 12.77 4.69
N HIS B 40 8.56 13.25 3.70
CA HIS B 40 9.60 14.26 3.98
C HIS B 40 9.41 15.62 3.33
N LEU B 41 8.62 15.67 2.25
CA LEU B 41 8.38 16.93 1.50
C LEU B 41 7.17 17.64 2.05
N LEU B 42 7.40 18.71 2.81
CA LEU B 42 6.33 19.29 3.62
C LEU B 42 6.02 20.70 3.15
N GLU B 43 4.78 20.85 2.64
CA GLU B 43 4.27 22.10 2.17
C GLU B 43 3.47 22.86 3.25
N VAL B 44 4.14 23.81 3.91
CA VAL B 44 3.46 24.63 4.92
C VAL B 44 2.83 25.80 4.19
N THR B 45 1.50 25.83 4.15
CA THR B 45 0.78 26.91 3.44
C THR B 45 0.88 28.21 4.25
N LEU B 46 0.95 29.35 3.52
CA LEU B 46 0.88 30.67 4.14
C LEU B 46 -0.57 31.08 4.45
N ARG B 47 -1.44 30.12 4.67
CA ARG B 47 -2.85 30.41 4.97
C ARG B 47 -3.10 30.85 6.43
N THR B 48 -2.11 30.73 7.29
CA THR B 48 -2.25 31.17 8.68
C THR B 48 -1.08 32.08 8.97
N GLU B 49 -1.21 32.79 10.06
CA GLU B 49 -0.14 33.67 10.54
C GLU B 49 1.09 32.87 11.01
N ALA B 50 0.92 31.66 11.53
CA ALA B 50 2.06 30.89 12.01
C ALA B 50 2.89 30.23 10.88
N GLY B 51 2.35 30.22 9.66
CA GLY B 51 2.94 29.45 8.53
C GLY B 51 4.42 29.72 8.31
N LEU B 52 4.78 30.99 8.18
CA LEU B 52 6.20 31.30 7.95
C LEU B 52 7.13 30.88 9.09
N ALA B 53 6.69 31.15 10.33
CA ALA B 53 7.49 30.81 11.49
C ALA B 53 7.54 29.30 11.66
N ALA B 54 6.47 28.62 11.26
CA ALA B 54 6.47 27.16 11.24
C ALA B 54 7.55 26.63 10.28
N ILE B 55 7.63 27.19 9.08
CA ILE B 55 8.73 26.85 8.12
C ILE B 55 10.13 26.98 8.75
N SER B 56 10.44 28.16 9.29
CA SER B 56 11.71 28.35 10.01
C SER B 56 11.96 27.34 11.13
N ALA B 57 10.99 27.12 12.00
CA ALA B 57 11.16 26.14 13.09
C ALA B 57 11.49 24.73 12.60
N ILE B 58 10.74 24.22 11.61
CA ILE B 58 11.01 22.93 11.02
C ILE B 58 12.36 22.92 10.30
N LYS B 59 12.69 23.99 9.60
CA LYS B 59 13.97 24.04 8.88
C LYS B 59 15.18 23.83 9.84
N LYS B 60 15.09 24.47 11.01
CA LYS B 60 16.12 24.41 12.05
C LYS B 60 16.13 23.07 12.76
N ALA B 61 14.95 22.60 13.14
CA ALA B 61 14.84 21.52 14.09
C ALA B 61 14.74 20.16 13.47
N VAL B 62 14.31 20.07 12.20
CA VAL B 62 14.04 18.78 11.57
C VAL B 62 14.73 18.79 10.22
N PRO B 63 16.09 18.75 10.22
CA PRO B 63 16.89 18.87 8.98
C PRO B 63 16.59 17.81 7.94
N GLU B 64 16.09 16.65 8.37
CA GLU B 64 15.66 15.61 7.45
C GLU B 64 14.30 15.83 6.71
N ALA B 65 13.49 16.80 7.16
CA ALA B 65 12.31 17.21 6.38
C ALA B 65 12.81 18.12 5.28
N ILE B 66 12.18 18.10 4.11
CA ILE B 66 12.35 19.14 3.10
C ILE B 66 11.15 20.04 3.16
N VAL B 67 11.32 21.15 3.82
CA VAL B 67 10.17 21.96 4.15
C VAL B 67 10.05 23.18 3.19
N GLY B 68 8.83 23.37 2.69
CA GLY B 68 8.46 24.38 1.70
C GLY B 68 7.29 25.23 2.13
N ALA B 69 7.02 26.28 1.35
CA ALA B 69 5.86 27.14 1.51
C ALA B 69 4.80 26.84 0.45
N GLY B 70 3.53 26.87 0.85
CA GLY B 70 2.41 26.74 -0.08
C GLY B 70 1.57 28.00 -0.03
N THR B 71 0.67 28.09 -1.00
CA THR B 71 -0.26 29.21 -1.15
C THR B 71 0.57 30.47 -1.24
N VAL B 72 1.66 30.41 -1.96
CA VAL B 72 2.45 31.68 -2.21
C VAL B 72 1.82 32.38 -3.44
N CYS B 73 1.32 33.62 -3.28
CA CYS B 73 0.52 34.29 -4.36
C CYS B 73 1.16 35.50 -5.00
N THR B 74 2.04 36.16 -4.26
CA THR B 74 2.66 37.41 -4.72
C THR B 74 4.17 37.30 -4.63
N ALA B 75 4.87 38.24 -5.27
CA ALA B 75 6.32 38.29 -5.19
C ALA B 75 6.76 38.52 -3.74
N ASP B 76 5.94 39.22 -2.96
CA ASP B 76 6.23 39.40 -1.51
C ASP B 76 6.15 38.11 -0.70
N ASP B 77 5.09 37.33 -0.92
CA ASP B 77 4.96 35.96 -0.36
C ASP B 77 6.22 35.15 -0.70
N PHE B 78 6.61 35.15 -1.97
CA PHE B 78 7.74 34.38 -2.47
C PHE B 78 9.04 34.76 -1.71
N GLN B 79 9.30 36.06 -1.58
CA GLN B 79 10.47 36.51 -0.81
C GLN B 79 10.40 36.12 0.69
N LYS B 80 9.28 36.41 1.34
CA LYS B 80 9.08 36.04 2.73
C LYS B 80 9.34 34.54 2.94
N ALA B 81 8.84 33.71 2.00
CA ALA B 81 9.09 32.30 2.02
C ALA B 81 10.58 31.93 1.99
N ILE B 82 11.32 32.58 1.09
CA ILE B 82 12.78 32.44 1.02
C ILE B 82 13.46 32.84 2.35
N ASP B 83 13.12 34.01 2.87
CA ASP B 83 13.73 34.50 4.13
C ASP B 83 13.40 33.54 5.28
N ALA B 84 12.22 32.93 5.22
CA ALA B 84 11.83 31.95 6.24
C ALA B 84 12.61 30.63 6.17
N GLY B 85 13.28 30.35 5.06
CA GLY B 85 14.06 29.12 4.83
C GLY B 85 13.34 28.02 3.99
N ALA B 86 12.28 28.40 3.28
CA ALA B 86 11.56 27.45 2.42
C ALA B 86 12.53 26.85 1.40
N GLN B 87 12.46 25.55 1.22
CA GLN B 87 13.35 24.88 0.27
C GLN B 87 12.64 24.69 -1.08
N PHE B 88 11.33 24.76 -1.04
CA PHE B 88 10.52 24.80 -2.24
C PHE B 88 9.33 25.73 -2.03
N ILE B 89 8.75 26.19 -3.14
CA ILE B 89 7.62 27.07 -3.12
C ILE B 89 6.52 26.62 -4.10
N VAL B 90 5.30 26.61 -3.58
CA VAL B 90 4.16 26.20 -4.33
C VAL B 90 3.17 27.34 -4.35
N SER B 91 2.64 27.58 -5.54
CA SER B 91 1.57 28.56 -5.75
CA SER B 91 1.58 28.56 -5.78
C SER B 91 0.37 27.88 -6.39
N PRO B 92 -0.86 28.36 -6.07
CA PRO B 92 -2.13 27.85 -6.61
C PRO B 92 -2.30 28.08 -8.09
N GLY B 93 -1.58 29.05 -8.65
CA GLY B 93 -1.74 29.43 -10.02
C GLY B 93 -0.48 30.32 -10.30
N LEU B 94 -0.38 30.88 -11.47
CA LEU B 94 0.84 31.60 -11.89
C LEU B 94 0.48 32.93 -12.52
N THR B 95 1.25 33.95 -12.25
CA THR B 95 0.93 35.29 -12.75
C THR B 95 2.24 35.82 -13.33
N PRO B 96 2.16 36.83 -14.22
CA PRO B 96 3.41 37.41 -14.67
C PRO B 96 4.29 37.87 -13.51
N GLU B 97 3.69 38.38 -12.45
CA GLU B 97 4.50 38.85 -11.29
C GLU B 97 5.24 37.68 -10.63
N LEU B 98 4.62 36.49 -10.50
CA LEU B 98 5.35 35.32 -9.91
C LEU B 98 6.49 34.81 -10.82
N ILE B 99 6.27 34.77 -12.14
CA ILE B 99 7.29 34.31 -13.11
C ILE B 99 8.55 35.20 -13.04
N GLU B 100 8.29 36.48 -12.99
CA GLU B 100 9.34 37.50 -12.91
C GLU B 100 10.16 37.44 -11.61
N LYS B 101 9.46 37.30 -10.49
CA LYS B 101 10.10 37.13 -9.19
C LYS B 101 10.95 35.87 -9.20
N ALA B 102 10.41 34.75 -9.70
CA ALA B 102 11.13 33.48 -9.74
C ALA B 102 12.39 33.51 -10.61
N LYS B 103 12.32 34.22 -11.74
CA LYS B 103 13.51 34.44 -12.61
C LYS B 103 14.56 35.25 -11.89
N GLN B 104 14.10 36.32 -11.23
CA GLN B 104 15.00 37.23 -10.54
C GLN B 104 15.79 36.53 -9.42
N VAL B 105 15.10 35.74 -8.60
CA VAL B 105 15.80 35.00 -7.54
C VAL B 105 16.71 33.91 -8.15
N LYS B 106 16.30 33.31 -9.26
CA LYS B 106 17.19 32.36 -9.91
C LYS B 106 18.44 33.05 -10.49
N LEU B 107 18.27 34.25 -11.07
CA LEU B 107 19.38 35.04 -11.66
C LEU B 107 20.37 35.56 -10.61
N ASP B 108 19.87 35.98 -9.45
CA ASP B 108 20.71 36.42 -8.33
C ASP B 108 21.46 35.24 -7.72
N GLY B 109 20.94 34.04 -7.95
CA GLY B 109 21.62 32.79 -7.57
C GLY B 109 21.81 32.51 -6.09
N GLN B 110 21.12 33.25 -5.22
CA GLN B 110 21.14 32.96 -3.78
C GLN B 110 20.20 31.79 -3.38
N TRP B 111 18.92 31.86 -3.75
CA TRP B 111 17.93 30.78 -3.50
C TRP B 111 17.88 29.86 -4.69
N GLN B 112 18.23 28.61 -4.45
CA GLN B 112 18.28 27.61 -5.50
C GLN B 112 17.26 26.51 -5.22
N GLY B 113 16.11 26.90 -4.67
CA GLY B 113 15.06 25.95 -4.40
C GLY B 113 14.16 25.77 -5.60
N VAL B 114 13.10 25.02 -5.40
CA VAL B 114 12.22 24.60 -6.47
C VAL B 114 10.94 25.44 -6.41
N PHE B 115 10.53 25.97 -7.55
CA PHE B 115 9.24 26.64 -7.65
C PHE B 115 8.29 25.70 -8.42
N LEU B 116 7.16 25.35 -7.77
CA LEU B 116 6.17 24.44 -8.30
C LEU B 116 4.81 25.21 -8.38
N PRO B 117 4.54 25.86 -9.52
CA PRO B 117 3.32 26.68 -9.59
C PRO B 117 2.14 25.98 -10.22
N GLY B 118 0.93 26.46 -9.90
CA GLY B 118 -0.33 25.81 -10.32
C GLY B 118 -0.72 26.17 -11.75
N VAL B 119 -1.28 25.21 -12.47
CA VAL B 119 -1.86 25.44 -13.77
C VAL B 119 -3.17 24.73 -13.86
N ALA B 120 -4.04 25.24 -14.75
CA ALA B 120 -5.34 24.65 -14.91
C ALA B 120 -5.85 24.50 -16.36
N THR B 121 -5.12 25.06 -17.32
CA THR B 121 -5.43 24.95 -18.77
C THR B 121 -4.15 24.66 -19.60
N ALA B 122 -4.30 24.21 -20.84
CA ALA B 122 -3.14 23.85 -21.67
C ALA B 122 -2.33 25.13 -21.91
N SER B 123 -3.04 26.25 -21.92
CA SER B 123 -2.47 27.56 -22.20
CA SER B 123 -2.42 27.55 -22.21
C SER B 123 -1.58 27.95 -20.99
N GLU B 124 -2.09 27.71 -19.78
CA GLU B 124 -1.30 27.96 -18.57
C GLU B 124 -0.07 27.02 -18.51
N VAL B 125 -0.27 25.77 -18.91
CA VAL B 125 0.85 24.80 -18.99
C VAL B 125 1.96 25.39 -19.91
N MSE B 126 1.55 25.84 -21.10
CA MSE B 126 2.52 26.42 -22.10
C MSE B 126 3.21 27.69 -21.65
O MSE B 126 4.41 27.90 -21.96
CB MSE B 126 1.84 26.62 -23.47
CG MSE B 126 1.23 25.32 -24.03
SE MSE B 126 -0.11 25.69 -25.37
CE MSE B 126 1.00 26.96 -26.16
N ILE B 127 2.49 28.56 -20.95
CA ILE B 127 3.10 29.76 -20.33
C ILE B 127 4.15 29.34 -19.28
N ALA B 128 3.79 28.40 -18.39
CA ALA B 128 4.76 27.93 -17.39
C ALA B 128 6.02 27.33 -18.05
N ALA B 129 5.81 26.43 -19.01
CA ALA B 129 6.88 25.75 -19.73
C ALA B 129 7.82 26.74 -20.37
N GLN B 130 7.25 27.74 -21.02
CA GLN B 130 8.11 28.64 -21.77
C GLN B 130 8.86 29.62 -20.88
N ALA B 131 8.34 29.80 -19.66
CA ALA B 131 9.11 30.38 -18.56
C ALA B 131 10.27 29.49 -18.08
N GLY B 132 10.23 28.17 -18.35
CA GLY B 132 11.34 27.30 -17.96
C GLY B 132 10.98 26.35 -16.84
N ILE B 133 9.68 26.26 -16.56
CA ILE B 133 9.15 25.41 -15.50
C ILE B 133 8.42 24.24 -16.14
N THR B 134 8.96 23.03 -15.94
CA THR B 134 8.45 21.84 -16.61
C THR B 134 7.82 20.82 -15.64
N GLN B 135 7.83 21.16 -14.34
CA GLN B 135 7.11 20.37 -13.34
C GLN B 135 6.14 21.32 -12.65
N LEU B 136 4.84 20.98 -12.68
CA LEU B 136 3.80 21.93 -12.31
C LEU B 136 2.79 21.34 -11.38
N LYS B 137 2.10 22.20 -10.61
CA LYS B 137 0.93 21.75 -9.84
C LYS B 137 -0.26 21.75 -10.77
N CYS B 138 -1.13 20.76 -10.66
CA CYS B 138 -2.39 20.93 -11.31
C CYS B 138 -3.42 21.22 -10.20
N PHE B 139 -4.07 22.38 -10.25
CA PHE B 139 -4.88 22.86 -9.12
C PHE B 139 -6.16 23.61 -9.51
N PRO B 140 -7.34 23.17 -8.96
CA PRO B 140 -7.56 22.00 -8.08
C PRO B 140 -7.95 20.77 -8.88
N ALA B 141 -7.11 19.73 -8.85
CA ALA B 141 -7.06 18.78 -9.89
C ALA B 141 -8.41 18.02 -9.97
N SER B 142 -8.97 17.66 -8.84
CA SER B 142 -10.19 16.85 -8.88
C SER B 142 -11.46 17.63 -9.31
N ALA B 143 -11.44 18.96 -9.18
CA ALA B 143 -12.59 19.77 -9.58
C ALA B 143 -12.61 20.08 -11.08
N ILE B 144 -11.44 20.05 -11.73
CA ILE B 144 -11.32 20.60 -13.06
C ILE B 144 -11.06 19.57 -14.18
N GLY B 145 -11.27 18.29 -13.88
CA GLY B 145 -11.17 17.25 -14.87
C GLY B 145 -10.26 16.12 -14.44
N GLY B 146 -9.53 16.26 -13.33
CA GLY B 146 -8.78 15.15 -12.73
C GLY B 146 -7.80 14.35 -13.57
N ALA B 147 -7.85 13.03 -13.40
CA ALA B 147 -6.94 12.11 -14.15
C ALA B 147 -7.17 12.23 -15.64
N LYS B 148 -8.44 12.34 -16.05
CA LYS B 148 -8.78 12.46 -17.46
C LYS B 148 -8.09 13.71 -18.06
N LEU B 149 -8.16 14.82 -17.34
CA LEU B 149 -7.46 16.08 -17.79
C LEU B 149 -5.94 15.92 -17.95
N LEU B 150 -5.29 15.43 -16.90
CA LEU B 150 -3.86 15.12 -16.91
C LEU B 150 -3.47 14.17 -18.05
N LYS B 151 -4.29 13.16 -18.31
CA LYS B 151 -3.94 12.24 -19.38
C LYS B 151 -4.07 12.92 -20.73
N ALA B 152 -5.10 13.75 -20.89
CA ALA B 152 -5.30 14.47 -22.13
C ALA B 152 -4.10 15.39 -22.38
N TRP B 153 -3.59 16.00 -21.32
CA TRP B 153 -2.42 16.88 -21.51
C TRP B 153 -1.12 16.13 -21.85
N SER B 154 -1.04 14.84 -21.51
CA SER B 154 0.22 14.10 -21.74
C SER B 154 0.51 13.97 -23.23
N GLY B 155 -0.53 14.01 -24.08
CA GLY B 155 -0.33 13.85 -25.52
C GLY B 155 0.48 15.01 -26.11
N PRO B 156 -0.02 16.25 -25.98
CA PRO B 156 0.76 17.38 -26.52
C PRO B 156 1.92 17.84 -25.66
N PHE B 157 1.92 17.48 -24.38
CA PHE B 157 2.91 17.95 -23.41
C PHE B 157 3.68 16.78 -22.78
N PRO B 158 4.42 16.01 -23.59
CA PRO B 158 4.91 14.79 -22.98
C PRO B 158 6.11 15.02 -22.05
N ASP B 159 6.79 16.16 -22.17
CA ASP B 159 7.91 16.49 -21.31
C ASP B 159 7.49 17.24 -20.02
N ILE B 160 6.19 17.32 -19.73
CA ILE B 160 5.75 18.07 -18.54
C ILE B 160 5.31 17.13 -17.48
N GLN B 161 5.75 17.32 -16.22
CA GLN B 161 5.29 16.43 -15.15
C GLN B 161 4.39 17.18 -14.21
N PHE B 162 3.46 16.52 -13.55
CA PHE B 162 2.55 17.25 -12.71
C PHE B 162 2.50 16.78 -11.28
N CYS B 163 2.17 17.72 -10.40
CA CYS B 163 1.73 17.39 -9.04
C CYS B 163 0.26 17.80 -8.83
N PRO B 164 -0.69 16.84 -8.98
CA PRO B 164 -2.07 17.25 -8.75
C PRO B 164 -2.30 17.55 -7.26
N THR B 165 -3.11 18.57 -7.03
CA THR B 165 -3.44 18.93 -5.66
C THR B 165 -4.83 19.53 -5.71
N GLY B 166 -5.64 19.24 -4.70
CA GLY B 166 -7.04 19.65 -4.66
C GLY B 166 -7.94 18.42 -4.85
N GLY B 167 -8.60 17.99 -3.78
CA GLY B 167 -9.44 16.77 -3.79
C GLY B 167 -8.70 15.46 -3.96
N ILE B 168 -7.41 15.44 -3.66
CA ILE B 168 -6.67 14.16 -3.67
C ILE B 168 -6.94 13.53 -2.32
N SER B 169 -7.28 12.24 -2.32
CA SER B 169 -7.64 11.60 -1.10
C SER B 169 -6.88 10.29 -0.94
N LYS B 170 -6.99 9.70 0.24
CA LYS B 170 -6.52 8.34 0.50
C LYS B 170 -7.00 7.39 -0.59
N ASP B 171 -8.25 7.55 -0.97
CA ASP B 171 -8.92 6.64 -1.93
C ASP B 171 -8.57 6.91 -3.39
N ASN B 172 -8.07 8.10 -3.74
CA ASN B 172 -7.72 8.29 -5.15
C ASN B 172 -6.27 8.62 -5.48
N TYR B 173 -5.41 8.83 -4.49
CA TYR B 173 -4.06 9.35 -4.85
C TYR B 173 -3.27 8.33 -5.67
N LYS B 174 -3.49 7.02 -5.44
CA LYS B 174 -2.74 6.02 -6.18
C LYS B 174 -3.09 6.01 -7.65
N GLU B 175 -4.37 6.21 -7.97
CA GLU B 175 -4.84 6.36 -9.34
C GLU B 175 -4.11 7.53 -10.01
N TYR B 176 -4.07 8.67 -9.33
CA TYR B 176 -3.29 9.85 -9.87
C TYR B 176 -1.80 9.55 -10.04
N LEU B 177 -1.20 8.91 -9.04
CA LEU B 177 0.22 8.60 -9.09
C LEU B 177 0.55 7.65 -10.25
N GLY B 178 -0.42 6.80 -10.58
CA GLY B 178 -0.25 5.87 -11.69
C GLY B 178 -0.03 6.47 -13.05
N LEU B 179 -0.44 7.74 -13.23
CA LEU B 179 -0.35 8.41 -14.52
C LEU B 179 1.11 8.64 -14.83
N PRO B 180 1.53 8.33 -16.07
CA PRO B 180 2.95 8.42 -16.37
C PRO B 180 3.48 9.86 -16.33
N ASN B 181 2.60 10.88 -16.42
CA ASN B 181 3.08 12.28 -16.25
C ASN B 181 2.86 12.89 -14.85
N VAL B 182 2.43 12.08 -13.90
CA VAL B 182 2.32 12.51 -12.49
C VAL B 182 3.48 11.95 -11.67
N ILE B 183 4.14 12.81 -10.92
CA ILE B 183 5.32 12.38 -10.17
C ILE B 183 5.10 12.41 -8.68
N CYS B 184 4.05 13.12 -8.23
CA CYS B 184 3.68 13.20 -6.80
CA CYS B 184 3.71 13.24 -6.81
C CYS B 184 2.33 13.88 -6.69
N ALA B 185 1.76 13.96 -5.48
CA ALA B 185 0.45 14.56 -5.30
C ALA B 185 0.39 15.27 -3.97
N GLY B 186 -0.54 16.19 -3.84
CA GLY B 186 -0.62 17.00 -2.61
C GLY B 186 -1.85 16.49 -1.90
N GLY B 187 -1.73 16.30 -0.59
CA GLY B 187 -2.84 15.77 0.21
C GLY B 187 -2.99 16.44 1.56
N SER B 188 -4.23 16.50 2.08
CA SER B 188 -4.56 17.26 3.31
C SER B 188 -4.78 16.37 4.53
N TRP B 189 -4.98 15.09 4.27
CA TRP B 189 -5.51 14.17 5.28
C TRP B 189 -4.49 13.73 6.33
N LEU B 190 -3.21 13.89 6.05
CA LEU B 190 -2.14 13.50 7.02
C LEU B 190 -2.08 14.47 8.19
N THR B 191 -2.49 15.72 7.96
CA THR B 191 -2.30 16.79 8.92
C THR B 191 -3.60 17.54 9.21
N GLU B 192 -4.74 16.81 9.23
CA GLU B 192 -6.06 17.38 9.55
C GLU B 192 -6.01 18.16 10.87
N SER B 193 -6.64 19.35 10.90
CA SER B 193 -6.51 20.29 12.03
C SER B 193 -6.72 19.64 13.38
N LYS B 194 -7.73 18.76 13.51
CA LYS B 194 -7.95 18.05 14.77
C LYS B 194 -6.69 17.29 15.28
N LEU B 195 -5.96 16.63 14.39
CA LEU B 195 -4.69 15.97 14.71
C LEU B 195 -3.68 16.97 15.29
N LEU B 196 -3.58 18.12 14.65
CA LEU B 196 -2.60 19.10 15.06
C LEU B 196 -2.99 19.71 16.40
N ILE B 197 -4.22 20.24 16.49
CA ILE B 197 -4.75 20.80 17.74
C ILE B 197 -4.60 19.87 18.93
N GLU B 198 -4.99 18.60 18.77
CA GLU B 198 -4.88 17.66 19.88
C GLU B 198 -3.48 17.11 20.14
N GLY B 199 -2.54 17.41 19.26
CA GLY B 199 -1.21 16.84 19.37
C GLY B 199 -1.16 15.34 19.22
N ASP B 200 -1.93 14.81 18.26
CA ASP B 200 -2.04 13.37 18.08
C ASP B 200 -0.95 12.90 17.12
N TRP B 201 0.30 12.95 17.58
CA TRP B 201 1.42 12.71 16.69
C TRP B 201 1.53 11.30 16.21
N ASN B 202 1.03 10.29 16.99
CA ASN B 202 1.10 8.93 16.52
C ASN B 202 0.16 8.72 15.35
N GLU B 203 -1.00 9.41 15.39
CA GLU B 203 -1.95 9.31 14.30
C GLU B 203 -1.36 9.97 13.07
N VAL B 204 -0.69 11.10 13.24
CA VAL B 204 -0.04 11.69 12.09
C VAL B 204 0.98 10.71 11.45
N THR B 205 1.76 10.04 12.30
CA THR B 205 2.74 9.05 11.87
C THR B 205 2.08 7.87 11.18
N ARG B 206 0.97 7.39 11.77
CA ARG B 206 0.12 6.34 11.17
CA ARG B 206 0.24 6.28 11.14
C ARG B 206 -0.27 6.62 9.72
N ARG B 207 -0.94 7.75 9.52
CA ARG B 207 -1.35 8.13 8.17
C ARG B 207 -0.17 8.28 7.18
N ALA B 208 0.95 8.83 7.65
CA ALA B 208 2.18 8.90 6.83
C ALA B 208 2.73 7.52 6.47
N SER B 209 2.84 6.64 7.49
CA SER B 209 3.32 5.28 7.28
C SER B 209 2.52 4.57 6.21
N GLU B 210 1.23 4.89 6.14
CA GLU B 210 0.29 4.22 5.20
C GLU B 210 0.47 4.61 3.73
N ILE B 211 1.07 5.78 3.48
CA ILE B 211 1.39 6.18 2.13
C ILE B 211 2.41 5.19 1.51
N VAL B 212 2.21 4.83 0.26
CA VAL B 212 3.09 3.87 -0.40
C VAL B 212 4.20 4.58 -1.17
N LYS B 213 5.33 3.90 -1.36
CA LYS B 213 6.36 4.34 -2.34
C LYS B 213 5.77 4.29 -3.74
N LEU B 214 6.31 5.14 -4.61
CA LEU B 214 5.88 5.20 -6.01
C LEU B 214 6.06 3.85 -6.73
N SER B 215 7.15 3.15 -6.41
CA SER B 215 7.46 1.83 -6.98
C SER B 215 6.50 0.75 -6.49
N ASP B 216 5.71 1.08 -5.48
CA ASP B 216 4.89 0.09 -4.78
C ASP B 216 3.43 0.38 -5.13
N ILE B 217 3.27 1.12 -6.22
CA ILE B 217 2.02 1.27 -7.00
C ILE B 217 1.22 2.52 -6.71
C PYR C . 1.17 -25.21 0.02
O PYR C . 0.10 -24.84 -0.52
OXT PYR C . 2.28 -24.62 -0.15
CA PYR C . 1.12 -26.47 0.87
O3 PYR C . 2.22 -26.99 1.44
CB PYR C . -0.19 -27.17 1.08
C PYR D . -1.61 26.28 -2.68
O PYR D . -0.59 26.78 -3.16
OXT PYR D . -2.28 26.77 -1.73
CA PYR D . -2.09 24.96 -3.32
O3 PYR D . -3.17 24.33 -2.79
CB PYR D . -1.38 24.36 -4.52
#